data_1ZM1
#
_entry.id   1ZM1
#
_cell.length_a   70.148
_cell.length_b   43.970
_cell.length_c   81.015
_cell.angle_alpha   90.00
_cell.angle_beta   109.56
_cell.angle_gamma   90.00
#
_symmetry.space_group_name_H-M   'P 1 21 1'
#
loop_
_entity.id
_entity.type
_entity.pdbx_description
1 polymer Beta-glucanase
2 branched beta-D-glucopyranose-(1-4)-beta-D-glucopyranose-(1-3)-beta-D-glucopyranose
3 non-polymer 'CALCIUM ION'
4 water water
#
_entity_poly.entity_id   1
_entity_poly.type   'polypeptide(L)'
_entity_poly.pdbx_seq_one_letter_code
;AKDFSGAELYTLEEVQYGKFEAR(MSE)K(MSE)AAASGTVSS(MSE)FLYQNGSEIADGRPWVEVDIEVLGKNPGSFQS
NIITGKAGAQKTSEKHHAVSPAADQAFHTYGLEWTPNYVRWTVDGQEVRKTEGGQVSNLTGTQGLRFNLWSSESAAWVGQ
FDESKLPLFQFINWVKVYKYTPGQGEGGSDFTLDWTDNFDTFDGSRWGKGDWTFDGNRVDLTDKNIYSRDG(MSE)LILA
LTRKGQESFNGQVPRDD
;
_entity_poly.pdbx_strand_id   A,B
#
# COMPACT_ATOMS: atom_id res chain seq x y z
N ALA A 1 2.61 -28.83 8.29
CA ALA A 1 1.25 -28.99 8.87
C ALA A 1 0.20 -28.70 7.81
N LYS A 2 0.57 -27.92 6.81
CA LYS A 2 -0.35 -27.56 5.73
C LYS A 2 -0.26 -28.61 4.62
N ASP A 3 -1.27 -28.66 3.75
CA ASP A 3 -1.33 -29.67 2.70
C ASP A 3 -0.45 -29.51 1.46
N PHE A 4 0.32 -28.42 1.37
CA PHE A 4 1.17 -28.25 0.19
C PHE A 4 2.61 -27.84 0.50
N SER A 5 3.51 -28.16 -0.42
CA SER A 5 4.92 -27.84 -0.26
C SER A 5 5.46 -26.86 -1.29
N GLY A 6 5.96 -25.73 -0.81
CA GLY A 6 6.52 -24.71 -1.69
C GLY A 6 7.99 -24.55 -1.38
N ALA A 7 8.58 -23.44 -1.83
CA ALA A 7 10.00 -23.23 -1.57
C ALA A 7 10.41 -21.77 -1.55
N GLU A 8 11.53 -21.50 -0.89
CA GLU A 8 12.08 -20.14 -0.81
C GLU A 8 13.60 -20.16 -0.76
N LEU A 9 14.19 -19.43 -1.69
CA LEU A 9 15.64 -19.29 -1.80
C LEU A 9 15.98 -17.90 -1.25
N TYR A 10 17.07 -17.81 -0.49
CA TYR A 10 17.46 -16.51 0.06
C TYR A 10 18.94 -16.41 0.36
N THR A 11 19.49 -15.21 0.16
CA THR A 11 20.90 -14.94 0.44
C THR A 11 21.08 -14.99 1.95
N LEU A 12 22.14 -15.67 2.41
CA LEU A 12 22.40 -15.74 3.85
C LEU A 12 22.65 -14.35 4.39
N GLU A 13 23.31 -13.52 3.60
CA GLU A 13 23.63 -12.17 4.02
C GLU A 13 22.72 -11.14 3.35
N GLU A 14 22.58 -9.99 3.98
CA GLU A 14 21.76 -8.91 3.45
C GLU A 14 22.70 -7.76 3.07
N VAL A 15 22.20 -6.79 2.32
CA VAL A 15 23.05 -5.68 1.90
C VAL A 15 22.29 -4.37 1.85
N GLN A 16 23.04 -3.26 1.83
CA GLN A 16 22.42 -1.93 1.75
C GLN A 16 22.61 -1.41 0.32
N TYR A 17 21.50 -1.31 -0.41
CA TYR A 17 21.52 -0.82 -1.77
C TYR A 17 22.19 -1.81 -2.70
N GLY A 18 21.92 -1.65 -3.99
CA GLY A 18 22.51 -2.52 -4.99
C GLY A 18 21.58 -2.79 -6.16
N LYS A 19 22.05 -3.59 -7.11
CA LYS A 19 21.25 -3.95 -8.26
C LYS A 19 21.19 -5.45 -8.24
N PHE A 20 20.00 -6.01 -8.46
CA PHE A 20 19.84 -7.44 -8.46
C PHE A 20 19.10 -7.89 -9.71
N GLU A 21 19.65 -8.87 -10.41
CA GLU A 21 19.03 -9.39 -11.62
C GLU A 21 18.93 -10.89 -11.52
N ALA A 22 17.89 -11.44 -12.13
CA ALA A 22 17.68 -12.87 -12.14
C ALA A 22 17.04 -13.28 -13.47
N ARG A 23 17.63 -14.30 -14.10
CA ARG A 23 17.14 -14.82 -15.37
C ARG A 23 16.27 -16.00 -15.00
N LYS A 25 12.16 -18.20 -15.39
CA LYS A 25 10.86 -18.48 -15.98
C LYS A 25 9.98 -18.78 -14.77
N ALA A 27 6.56 -19.75 -12.41
CA ALA A 27 5.58 -20.83 -12.31
C ALA A 27 4.26 -20.10 -12.15
N ALA A 28 3.21 -20.59 -12.80
CA ALA A 28 1.91 -19.92 -12.69
C ALA A 28 0.72 -20.85 -12.78
N ALA A 29 -0.29 -20.54 -11.98
CA ALA A 29 -1.53 -21.29 -11.93
C ALA A 29 -2.41 -20.52 -10.95
N SER A 30 -3.71 -20.50 -11.22
CA SER A 30 -4.62 -19.78 -10.35
C SER A 30 -4.33 -20.10 -8.88
N GLY A 31 -4.17 -19.04 -8.09
CA GLY A 31 -3.90 -19.19 -6.68
C GLY A 31 -2.45 -19.15 -6.23
N THR A 32 -1.51 -19.16 -7.19
CA THR A 32 -0.10 -19.17 -6.83
C THR A 32 0.65 -17.85 -6.86
N VAL A 33 1.85 -17.86 -6.29
CA VAL A 33 2.72 -16.69 -6.26
C VAL A 33 4.15 -17.13 -6.57
N SER A 34 4.71 -16.57 -7.63
CA SER A 34 6.07 -16.89 -8.07
C SER A 34 6.79 -15.54 -7.97
N SER A 35 7.85 -15.47 -7.18
CA SER A 35 8.48 -14.18 -7.00
C SER A 35 9.98 -14.01 -6.93
N PHE A 37 12.26 -11.02 -4.61
CA PHE A 37 12.15 -9.86 -3.76
C PHE A 37 13.31 -9.60 -2.83
N LEU A 38 13.42 -8.34 -2.42
CA LEU A 38 14.44 -7.92 -1.47
C LEU A 38 13.65 -7.97 -0.16
N TYR A 39 14.29 -8.40 0.92
CA TYR A 39 13.55 -8.48 2.18
C TYR A 39 14.43 -8.25 3.39
N GLN A 40 14.01 -7.34 4.25
CA GLN A 40 14.76 -7.10 5.47
C GLN A 40 14.21 -8.11 6.47
N ASN A 41 14.98 -9.15 6.75
CA ASN A 41 14.56 -10.19 7.67
C ASN A 41 14.19 -9.62 9.04
N GLY A 42 13.03 -10.02 9.54
CA GLY A 42 12.56 -9.56 10.84
C GLY A 42 11.40 -8.60 10.70
N SER A 43 11.16 -8.14 9.48
CA SER A 43 10.07 -7.23 9.18
C SER A 43 8.72 -7.75 9.66
N GLU A 44 8.59 -9.07 9.74
CA GLU A 44 7.33 -9.67 10.16
C GLU A 44 7.12 -9.57 11.67
N ILE A 45 8.16 -9.19 12.40
CA ILE A 45 8.02 -9.09 13.84
C ILE A 45 7.21 -7.85 14.17
N ALA A 46 6.20 -8.03 15.01
CA ALA A 46 5.30 -6.94 15.40
C ALA A 46 5.70 -6.24 16.69
N ASP A 47 6.96 -5.86 16.81
CA ASP A 47 7.41 -5.17 18.01
C ASP A 47 7.60 -3.67 17.76
N GLY A 48 7.07 -3.18 16.64
CA GLY A 48 7.18 -1.78 16.34
C GLY A 48 8.27 -1.43 15.35
N ARG A 49 9.11 -2.40 15.02
CA ARG A 49 10.18 -2.14 14.06
C ARG A 49 9.50 -1.95 12.72
N PRO A 50 10.16 -1.27 11.77
CA PRO A 50 9.56 -1.04 10.46
C PRO A 50 9.62 -2.27 9.56
N TRP A 51 8.93 -2.18 8.43
CA TRP A 51 8.91 -3.26 7.45
C TRP A 51 9.63 -2.77 6.19
N VAL A 52 10.58 -3.56 5.70
CA VAL A 52 11.32 -3.18 4.50
C VAL A 52 11.32 -4.31 3.48
N GLU A 53 10.63 -4.08 2.36
CA GLU A 53 10.50 -5.08 1.32
C GLU A 53 10.16 -4.45 -0.05
N VAL A 54 10.67 -5.09 -1.10
CA VAL A 54 10.43 -4.65 -2.48
C VAL A 54 10.10 -5.91 -3.27
N ASP A 55 9.01 -5.88 -4.02
CA ASP A 55 8.60 -7.06 -4.73
C ASP A 55 8.34 -7.03 -6.22
N ILE A 56 8.39 -8.25 -6.74
CA ILE A 56 8.09 -8.62 -8.12
C ILE A 56 7.34 -9.93 -7.88
N GLU A 57 6.05 -9.97 -8.19
CA GLU A 57 5.28 -11.18 -7.97
C GLU A 57 4.38 -11.54 -9.13
N VAL A 58 4.55 -12.75 -9.65
CA VAL A 58 3.70 -13.21 -10.72
C VAL A 58 2.50 -13.90 -10.07
N LEU A 59 1.33 -13.28 -10.16
CA LEU A 59 0.13 -13.89 -9.60
C LEU A 59 -0.37 -14.95 -10.56
N GLY A 60 -0.40 -16.19 -10.09
CA GLY A 60 -0.83 -17.32 -10.91
C GLY A 60 -1.98 -17.14 -11.90
N LYS A 61 -3.04 -16.45 -11.50
CA LYS A 61 -4.18 -16.27 -12.39
C LYS A 61 -3.90 -15.31 -13.55
N ASN A 62 -2.76 -14.63 -13.52
CA ASN A 62 -2.42 -13.69 -14.58
C ASN A 62 -0.92 -13.67 -14.89
N PRO A 63 -0.44 -14.69 -15.59
CA PRO A 63 0.98 -14.80 -15.96
C PRO A 63 1.40 -13.79 -17.02
N GLY A 64 0.43 -13.02 -17.52
CA GLY A 64 0.72 -12.03 -18.54
C GLY A 64 1.34 -10.76 -17.98
N SER A 65 1.42 -10.68 -16.66
CA SER A 65 2.00 -9.52 -16.01
C SER A 65 2.55 -9.92 -14.66
N PHE A 66 3.23 -8.98 -14.00
CA PHE A 66 3.75 -9.24 -12.68
C PHE A 66 3.41 -8.03 -11.83
N GLN A 67 3.32 -8.24 -10.52
CA GLN A 67 3.00 -7.16 -9.62
C GLN A 67 4.26 -6.60 -8.96
N SER A 68 4.38 -5.28 -8.96
CA SER A 68 5.52 -4.61 -8.35
C SER A 68 5.01 -4.10 -7.01
N ASN A 69 5.92 -3.92 -6.06
CA ASN A 69 5.48 -3.45 -4.75
C ASN A 69 6.65 -3.09 -3.84
N ILE A 70 6.38 -2.13 -2.96
CA ILE A 70 7.34 -1.70 -1.97
C ILE A 70 6.51 -1.75 -0.69
N ILE A 71 7.03 -2.37 0.36
CA ILE A 71 6.30 -2.45 1.62
C ILE A 71 7.05 -1.78 2.76
N THR A 72 6.54 -0.63 3.19
CA THR A 72 7.13 0.10 4.30
C THR A 72 6.10 0.11 5.43
N GLY A 73 6.26 1.00 6.39
CA GLY A 73 5.34 1.03 7.51
C GLY A 73 5.75 -0.06 8.49
N LYS A 74 4.82 -0.91 8.90
CA LYS A 74 5.15 -1.97 9.84
C LYS A 74 4.10 -3.08 9.92
N ALA A 75 4.48 -4.20 10.51
CA ALA A 75 3.55 -5.33 10.65
C ALA A 75 2.28 -4.78 11.27
N GLY A 76 1.14 -5.13 10.69
CA GLY A 76 -0.14 -4.67 11.20
C GLY A 76 -0.50 -3.27 10.74
N ALA A 77 0.45 -2.60 10.09
CA ALA A 77 0.24 -1.24 9.61
C ALA A 77 1.13 -1.00 8.39
N GLN A 78 0.90 -1.81 7.36
CA GLN A 78 1.68 -1.70 6.15
C GLN A 78 1.26 -0.56 5.24
N LYS A 79 2.23 -0.10 4.46
CA LYS A 79 2.02 0.97 3.49
C LYS A 79 2.52 0.31 2.21
N THR A 80 1.63 0.21 1.23
CA THR A 80 1.96 -0.48 -0.02
C THR A 80 1.75 0.36 -1.28
N SER A 81 2.19 -0.18 -2.41
CA SER A 81 2.10 0.49 -3.70
C SER A 81 2.10 -0.56 -4.81
N GLU A 82 1.08 -1.41 -4.81
CA GLU A 82 0.95 -2.47 -5.81
C GLU A 82 0.64 -1.93 -7.20
N LYS A 83 1.39 -2.40 -8.19
CA LYS A 83 1.16 -2.00 -9.58
C LYS A 83 1.30 -3.26 -10.43
N HIS A 84 0.77 -3.21 -11.65
CA HIS A 84 0.83 -4.36 -12.53
C HIS A 84 1.51 -4.00 -13.84
N HIS A 85 2.43 -4.86 -14.27
CA HIS A 85 3.17 -4.64 -15.49
C HIS A 85 3.11 -5.83 -16.43
N ALA A 86 2.63 -5.57 -17.65
CA ALA A 86 2.54 -6.62 -18.65
C ALA A 86 3.94 -7.14 -18.98
N VAL A 87 4.01 -8.42 -19.35
CA VAL A 87 5.27 -9.04 -19.74
C VAL A 87 4.94 -9.87 -20.98
N SER A 88 5.85 -9.84 -21.95
CA SER A 88 5.65 -10.58 -23.19
C SER A 88 6.95 -11.23 -23.65
N PRO A 89 6.95 -12.56 -23.80
CA PRO A 89 5.83 -13.49 -23.57
C PRO A 89 5.51 -13.61 -22.09
N ALA A 90 4.40 -14.27 -21.78
CA ALA A 90 3.96 -14.48 -20.40
C ALA A 90 5.09 -15.05 -19.54
N ALA A 91 5.08 -14.70 -18.26
CA ALA A 91 6.09 -15.13 -17.31
C ALA A 91 6.41 -16.62 -17.28
N ASP A 92 5.40 -17.46 -17.50
CA ASP A 92 5.59 -18.91 -17.48
C ASP A 92 5.85 -19.54 -18.84
N GLN A 93 5.88 -18.72 -19.89
CA GLN A 93 6.11 -19.24 -21.23
C GLN A 93 7.46 -18.85 -21.84
N ALA A 94 8.27 -18.11 -21.10
CA ALA A 94 9.58 -17.67 -21.59
C ALA A 94 10.47 -17.20 -20.45
N PHE A 95 11.77 -17.14 -20.70
CA PHE A 95 12.68 -16.64 -19.68
C PHE A 95 12.75 -15.14 -19.84
N HIS A 96 12.86 -14.43 -18.74
CA HIS A 96 12.96 -12.98 -18.76
C HIS A 96 14.02 -12.61 -17.75
N THR A 97 14.67 -11.48 -17.95
CA THR A 97 15.69 -11.04 -17.01
C THR A 97 15.06 -9.95 -16.17
N TYR A 98 14.72 -10.28 -14.92
CA TYR A 98 14.12 -9.31 -14.03
C TYR A 98 15.18 -8.59 -13.22
N GLY A 99 15.13 -7.26 -13.24
CA GLY A 99 16.08 -6.47 -12.50
C GLY A 99 15.42 -5.68 -11.41
N LEU A 100 16.17 -5.45 -10.34
CA LEU A 100 15.70 -4.70 -9.19
C LEU A 100 16.86 -3.79 -8.80
N GLU A 101 16.59 -2.49 -8.71
CA GLU A 101 17.64 -1.54 -8.36
C GLU A 101 17.19 -0.76 -7.13
N TRP A 102 18.09 -0.65 -6.17
CA TRP A 102 17.78 0.03 -4.92
C TRP A 102 18.87 0.98 -4.47
N THR A 103 18.51 2.24 -4.31
CA THR A 103 19.44 3.27 -3.86
C THR A 103 18.73 4.12 -2.81
N PRO A 104 19.45 5.05 -2.16
CA PRO A 104 18.74 5.86 -1.17
C PRO A 104 17.72 6.80 -1.79
N ASN A 105 17.78 6.96 -3.11
CA ASN A 105 16.86 7.86 -3.80
C ASN A 105 15.77 7.19 -4.64
N TYR A 106 16.07 6.03 -5.22
CA TYR A 106 15.06 5.37 -6.02
C TYR A 106 15.12 3.85 -5.99
N VAL A 107 14.05 3.23 -6.45
CA VAL A 107 13.95 1.80 -6.60
C VAL A 107 13.46 1.66 -8.03
N ARG A 108 14.13 0.85 -8.82
CA ARG A 108 13.74 0.68 -10.21
C ARG A 108 13.52 -0.79 -10.54
N TRP A 109 12.52 -1.06 -11.38
CA TRP A 109 12.18 -2.41 -11.83
C TRP A 109 12.44 -2.49 -13.33
N THR A 110 13.11 -3.55 -13.77
CA THR A 110 13.39 -3.72 -15.19
C THR A 110 13.10 -5.13 -15.66
N VAL A 111 12.69 -5.24 -16.92
CA VAL A 111 12.40 -6.52 -17.53
C VAL A 111 13.21 -6.55 -18.82
N ASP A 112 14.17 -7.46 -18.88
CA ASP A 112 15.02 -7.59 -20.05
C ASP A 112 15.72 -6.28 -20.36
N GLY A 113 16.22 -5.63 -19.31
CA GLY A 113 16.95 -4.38 -19.47
C GLY A 113 16.10 -3.14 -19.58
N GLN A 114 14.80 -3.32 -19.80
CA GLN A 114 13.90 -2.18 -19.94
C GLN A 114 13.19 -1.86 -18.64
N GLU A 115 13.20 -0.58 -18.28
CA GLU A 115 12.54 -0.12 -17.06
C GLU A 115 11.02 -0.20 -17.20
N VAL A 116 10.36 -0.77 -16.20
CA VAL A 116 8.91 -0.86 -16.22
C VAL A 116 8.32 -0.04 -15.08
N ARG A 117 9.17 0.34 -14.12
CA ARG A 117 8.74 1.14 -12.98
C ARG A 117 9.90 1.76 -12.19
N LYS A 118 9.74 3.02 -11.80
CA LYS A 118 10.76 3.70 -11.00
C LYS A 118 10.09 4.60 -9.97
N THR A 119 10.28 4.29 -8.69
CA THR A 119 9.70 5.09 -7.63
C THR A 119 10.81 5.91 -6.99
N GLU A 120 10.57 7.20 -6.86
CA GLU A 120 11.55 8.11 -6.29
C GLU A 120 10.97 8.74 -5.03
N GLY A 121 11.80 8.86 -4.00
CA GLY A 121 11.33 9.44 -2.75
C GLY A 121 10.20 8.63 -2.17
N GLY A 122 9.39 9.25 -1.31
CA GLY A 122 8.28 8.54 -0.70
C GLY A 122 8.73 7.32 0.08
N GLN A 123 8.15 6.17 -0.24
CA GLN A 123 8.49 4.92 0.42
C GLN A 123 9.97 4.57 0.35
N VAL A 124 10.61 4.93 -0.75
CA VAL A 124 12.02 4.62 -0.90
C VAL A 124 12.84 5.18 0.27
N SER A 125 12.44 6.35 0.75
CA SER A 125 13.14 7.00 1.85
C SER A 125 13.05 6.22 3.15
N ASN A 126 12.15 5.24 3.20
CA ASN A 126 11.98 4.45 4.41
C ASN A 126 12.47 3.02 4.23
N LEU A 127 13.23 2.79 3.17
CA LEU A 127 13.81 1.47 2.94
C LEU A 127 15.18 1.54 3.61
N THR A 128 15.14 1.73 4.92
CA THR A 128 16.33 1.84 5.75
C THR A 128 16.92 0.46 6.04
N GLY A 129 18.20 0.43 6.41
CA GLY A 129 18.85 -0.81 6.72
C GLY A 129 19.21 -1.69 5.54
N THR A 130 19.32 -2.99 5.80
CA THR A 130 19.68 -3.96 4.78
C THR A 130 18.53 -4.88 4.35
N GLN A 131 18.72 -5.53 3.20
CA GLN A 131 17.75 -6.47 2.67
C GLN A 131 18.52 -7.56 1.97
N GLY A 132 17.92 -8.75 1.95
CA GLY A 132 18.54 -9.88 1.29
C GLY A 132 17.75 -10.18 0.02
N LEU A 133 18.36 -10.89 -0.91
CA LEU A 133 17.69 -11.23 -2.17
C LEU A 133 16.98 -12.56 -1.98
N ARG A 134 15.66 -12.58 -2.21
CA ARG A 134 14.88 -13.81 -2.05
C ARG A 134 13.99 -14.16 -3.24
N PHE A 135 13.60 -15.43 -3.28
CA PHE A 135 12.72 -15.98 -4.30
C PHE A 135 11.87 -17.09 -3.66
N ASN A 136 10.55 -16.99 -3.77
CA ASN A 136 9.73 -18.07 -3.22
C ASN A 136 8.59 -18.44 -4.14
N LEU A 137 8.06 -19.64 -3.93
CA LEU A 137 6.96 -20.18 -4.71
C LEU A 137 5.95 -20.67 -3.69
N TRP A 138 4.70 -20.21 -3.80
CA TRP A 138 3.66 -20.63 -2.87
C TRP A 138 2.27 -20.34 -3.39
N SER A 139 1.27 -20.47 -2.52
CA SER A 139 -0.10 -20.21 -2.92
C SER A 139 -0.77 -19.37 -1.85
N SER A 140 -1.47 -18.33 -2.27
CA SER A 140 -2.14 -17.44 -1.33
C SER A 140 -3.61 -17.79 -1.10
N GLU A 141 -4.05 -17.64 0.15
CA GLU A 141 -5.42 -17.93 0.55
C GLU A 141 -6.37 -16.87 -0.01
N SER A 142 -5.85 -15.69 -0.31
CA SER A 142 -6.69 -14.63 -0.85
C SER A 142 -7.00 -14.92 -2.30
N ALA A 143 -8.15 -15.55 -2.53
CA ALA A 143 -8.59 -15.88 -3.87
C ALA A 143 -8.84 -14.64 -4.74
N ALA A 144 -9.26 -13.55 -4.10
CA ALA A 144 -9.52 -12.30 -4.82
C ALA A 144 -8.23 -11.76 -5.46
N TRP A 145 -7.12 -11.96 -4.75
CA TRP A 145 -5.80 -11.51 -5.21
C TRP A 145 -5.18 -12.42 -6.28
N VAL A 146 -5.03 -13.70 -5.95
CA VAL A 146 -4.41 -14.64 -6.87
C VAL A 146 -5.36 -15.61 -7.60
N GLY A 147 -6.62 -15.64 -7.18
CA GLY A 147 -7.59 -16.55 -7.79
C GLY A 147 -7.70 -17.79 -6.92
N GLN A 148 -8.68 -18.65 -7.19
CA GLN A 148 -8.85 -19.88 -6.42
C GLN A 148 -7.68 -20.83 -6.70
N PHE A 149 -7.21 -21.55 -5.69
CA PHE A 149 -6.08 -22.44 -5.87
C PHE A 149 -6.42 -23.64 -6.76
N ASP A 150 -5.72 -23.73 -7.87
CA ASP A 150 -5.91 -24.81 -8.84
C ASP A 150 -4.91 -25.95 -8.56
N GLU A 151 -5.22 -26.75 -7.56
CA GLU A 151 -4.37 -27.86 -7.13
C GLU A 151 -3.97 -28.85 -8.21
N SER A 152 -4.87 -29.08 -9.17
CA SER A 152 -4.63 -30.04 -10.25
C SER A 152 -3.48 -29.72 -11.22
N LYS A 153 -3.05 -28.47 -11.28
CA LYS A 153 -1.96 -28.06 -12.17
C LYS A 153 -0.61 -28.47 -11.60
N LEU A 154 -0.59 -28.75 -10.30
CA LEU A 154 0.63 -29.16 -9.61
C LEU A 154 1.12 -30.48 -10.22
N PRO A 155 2.43 -30.74 -10.14
CA PRO A 155 3.45 -29.88 -9.52
C PRO A 155 3.85 -28.75 -10.47
N LEU A 156 4.27 -27.62 -9.90
CA LEU A 156 4.70 -26.47 -10.70
C LEU A 156 6.17 -26.17 -10.42
N PHE A 157 6.85 -25.56 -11.38
CA PHE A 157 8.26 -25.25 -11.19
C PHE A 157 8.67 -23.87 -11.67
N GLN A 158 9.54 -23.23 -10.90
CA GLN A 158 10.08 -21.92 -11.21
C GLN A 158 11.55 -22.15 -11.47
N PHE A 159 12.03 -21.75 -12.65
CA PHE A 159 13.43 -21.95 -13.00
C PHE A 159 14.23 -20.64 -13.03
N ILE A 160 15.38 -20.66 -12.35
CA ILE A 160 16.25 -19.51 -12.30
C ILE A 160 17.57 -19.96 -12.92
N ASN A 161 17.88 -19.43 -14.10
CA ASN A 161 19.10 -19.81 -14.80
C ASN A 161 20.33 -19.20 -14.14
N TRP A 162 20.22 -17.94 -13.75
CA TRP A 162 21.32 -17.26 -13.07
C TRP A 162 20.87 -16.02 -12.34
N VAL A 163 21.76 -15.54 -11.47
CA VAL A 163 21.50 -14.35 -10.69
C VAL A 163 22.78 -13.51 -10.65
N LYS A 164 22.62 -12.21 -10.80
CA LYS A 164 23.75 -11.30 -10.74
C LYS A 164 23.46 -10.23 -9.71
N VAL A 165 24.36 -10.08 -8.75
CA VAL A 165 24.18 -9.04 -7.73
C VAL A 165 25.25 -7.97 -7.97
N TYR A 166 24.83 -6.70 -7.90
CA TYR A 166 25.69 -5.56 -8.12
C TYR A 166 25.77 -4.64 -6.90
N LYS A 167 26.85 -3.87 -6.80
CA LYS A 167 27.01 -2.91 -5.71
C LYS A 167 26.54 -1.54 -6.19
N TYR A 168 26.13 -0.69 -5.25
CA TYR A 168 25.68 0.65 -5.60
C TYR A 168 26.90 1.56 -5.73
N THR A 169 27.20 1.95 -6.96
CA THR A 169 28.34 2.83 -7.21
C THR A 169 27.83 3.95 -8.12
N PRO A 170 27.10 4.90 -7.54
CA PRO A 170 26.53 6.02 -8.29
C PRO A 170 27.43 6.71 -9.32
N GLY A 171 26.92 6.74 -10.55
CA GLY A 171 27.61 7.39 -11.66
C GLY A 171 28.89 6.74 -12.14
N GLN A 172 29.31 5.67 -11.48
CA GLN A 172 30.53 5.00 -11.86
C GLN A 172 30.34 3.73 -12.66
N GLY A 173 29.08 3.35 -12.89
CA GLY A 173 28.82 2.16 -13.67
C GLY A 173 28.93 2.44 -15.16
N GLU A 174 28.82 1.40 -15.98
CA GLU A 174 28.90 1.56 -17.42
C GLU A 174 27.97 2.67 -17.92
N GLY A 175 28.52 3.56 -18.74
CA GLY A 175 27.74 4.67 -19.30
C GLY A 175 27.30 5.70 -18.26
N GLY A 176 27.90 5.67 -17.07
CA GLY A 176 27.52 6.61 -16.04
C GLY A 176 26.34 6.10 -15.23
N SER A 177 26.07 4.79 -15.33
CA SER A 177 24.97 4.19 -14.58
C SER A 177 25.36 4.08 -13.09
N ASP A 178 24.47 3.56 -12.26
CA ASP A 178 24.77 3.50 -10.83
C ASP A 178 25.24 2.19 -10.22
N PHE A 179 25.52 1.17 -11.01
CA PHE A 179 25.93 -0.08 -10.41
C PHE A 179 27.15 -0.79 -11.00
N THR A 180 27.75 -1.65 -10.19
CA THR A 180 28.93 -2.43 -10.56
C THR A 180 28.69 -3.90 -10.24
N LEU A 181 28.98 -4.78 -11.20
CA LEU A 181 28.81 -6.22 -11.00
C LEU A 181 29.64 -6.75 -9.83
N ASP A 182 28.98 -7.37 -8.85
CA ASP A 182 29.68 -7.92 -7.69
C ASP A 182 29.90 -9.43 -7.85
N TRP A 183 28.83 -10.21 -7.72
CA TRP A 183 28.95 -11.65 -7.89
C TRP A 183 27.86 -12.24 -8.78
N THR A 184 28.17 -13.33 -9.46
CA THR A 184 27.22 -13.99 -10.33
C THR A 184 27.10 -15.45 -9.93
N ASP A 185 25.91 -16.02 -10.08
CA ASP A 185 25.69 -17.42 -9.76
C ASP A 185 24.97 -18.01 -10.94
N ASN A 186 25.64 -18.92 -11.64
CA ASN A 186 25.07 -19.55 -12.81
C ASN A 186 24.33 -20.82 -12.42
N PHE A 187 24.25 -21.04 -11.11
CA PHE A 187 23.57 -22.19 -10.54
C PHE A 187 23.94 -23.54 -11.15
N ASP A 188 25.23 -23.80 -11.28
CA ASP A 188 25.69 -25.08 -11.80
C ASP A 188 25.63 -26.05 -10.62
N THR A 189 25.25 -25.49 -9.47
CA THR A 189 25.07 -26.22 -8.22
C THR A 189 24.52 -25.25 -7.18
N PHE A 190 24.14 -25.78 -6.02
CA PHE A 190 23.60 -24.95 -4.96
C PHE A 190 24.77 -24.54 -4.04
N ASP A 191 24.88 -23.24 -3.78
CA ASP A 191 25.95 -22.69 -2.94
C ASP A 191 25.47 -22.39 -1.52
N GLY A 192 25.70 -23.36 -0.63
CA GLY A 192 25.28 -23.22 0.76
C GLY A 192 26.03 -22.15 1.55
N SER A 193 27.09 -21.60 0.99
CA SER A 193 27.84 -20.55 1.67
C SER A 193 27.22 -19.22 1.28
N ARG A 194 26.40 -19.24 0.24
CA ARG A 194 25.75 -18.05 -0.30
C ARG A 194 24.22 -18.02 -0.08
N TRP A 195 23.57 -19.14 -0.36
CA TRP A 195 22.12 -19.22 -0.22
C TRP A 195 21.64 -20.17 0.87
N GLY A 196 20.40 -19.95 1.29
CA GLY A 196 19.76 -20.80 2.28
C GLY A 196 18.42 -21.24 1.72
N LYS A 197 17.91 -22.36 2.21
CA LYS A 197 16.62 -22.88 1.77
C LYS A 197 15.60 -22.68 2.88
N GLY A 198 14.47 -22.05 2.56
CA GLY A 198 13.46 -21.80 3.56
C GLY A 198 12.67 -23.02 4.00
N ASP A 199 12.39 -23.11 5.30
CA ASP A 199 11.60 -24.21 5.81
C ASP A 199 10.67 -23.67 6.90
N TRP A 200 9.72 -22.84 6.47
CA TRP A 200 8.75 -22.23 7.37
C TRP A 200 7.49 -21.90 6.58
N THR A 201 6.63 -21.11 7.19
CA THR A 201 5.38 -20.68 6.56
C THR A 201 4.93 -19.42 7.27
N PHE A 202 3.93 -18.76 6.72
CA PHE A 202 3.42 -17.55 7.34
C PHE A 202 1.92 -17.50 7.14
N ASP A 203 1.27 -16.62 7.90
CA ASP A 203 -0.18 -16.50 7.82
C ASP A 203 -0.62 -16.06 6.42
N GLY A 204 -1.54 -16.82 5.84
CA GLY A 204 -2.04 -16.48 4.53
C GLY A 204 -1.41 -17.35 3.45
N ASN A 205 -0.46 -18.17 3.86
CA ASN A 205 0.22 -19.06 2.93
C ASN A 205 -0.41 -20.44 3.05
N ARG A 206 -0.86 -20.97 1.92
CA ARG A 206 -1.52 -22.27 1.89
C ARG A 206 -0.50 -23.41 1.94
N VAL A 207 0.78 -23.09 1.79
CA VAL A 207 1.80 -24.12 1.77
C VAL A 207 2.90 -23.97 2.81
N ASP A 208 3.69 -25.03 2.94
CA ASP A 208 4.83 -25.05 3.85
C ASP A 208 6.07 -24.99 2.96
N LEU A 209 6.94 -24.01 3.20
CA LEU A 209 8.15 -23.86 2.41
C LEU A 209 9.16 -24.91 2.88
N THR A 210 9.72 -25.69 1.97
CA THR A 210 10.69 -26.70 2.36
C THR A 210 11.96 -26.74 1.52
N ASP A 211 13.03 -27.20 2.16
CA ASP A 211 14.32 -27.32 1.51
C ASP A 211 14.27 -28.49 0.53
N LYS A 212 13.25 -29.33 0.68
CA LYS A 212 13.07 -30.49 -0.17
C LYS A 212 12.64 -30.05 -1.59
N ASN A 213 12.19 -28.82 -1.73
CA ASN A 213 11.75 -28.32 -3.04
C ASN A 213 12.66 -27.30 -3.67
N ILE A 214 13.95 -27.38 -3.37
CA ILE A 214 14.94 -26.47 -3.94
C ILE A 214 16.13 -27.32 -4.35
N TYR A 215 16.47 -27.31 -5.63
CA TYR A 215 17.62 -28.08 -6.12
C TYR A 215 18.06 -27.58 -7.47
N SER A 216 19.26 -27.99 -7.89
CA SER A 216 19.78 -27.57 -9.18
C SER A 216 19.75 -28.72 -10.17
N ARG A 217 19.65 -28.38 -11.44
CA ARG A 217 19.62 -29.35 -12.51
C ARG A 217 19.92 -28.67 -13.83
N ASP A 218 20.89 -29.21 -14.55
CA ASP A 218 21.26 -28.67 -15.84
C ASP A 218 21.49 -27.17 -15.79
N GLY A 219 22.34 -26.75 -14.87
CA GLY A 219 22.67 -25.34 -14.73
C GLY A 219 21.56 -24.44 -14.24
N LEU A 221 18.58 -23.49 -10.99
CA LEU A 221 18.03 -23.69 -9.66
C LEU A 221 16.52 -23.76 -9.87
N ILE A 222 15.89 -24.74 -9.23
CA ILE A 222 14.46 -24.94 -9.37
C ILE A 222 13.72 -24.85 -8.05
N LEU A 223 12.65 -24.07 -8.03
CA LEU A 223 11.81 -23.94 -6.84
C LEU A 223 10.55 -24.69 -7.23
N ALA A 224 10.11 -25.62 -6.39
CA ALA A 224 8.94 -26.43 -6.70
C ALA A 224 7.73 -26.26 -5.79
N LEU A 225 6.56 -26.36 -6.39
CA LEU A 225 5.30 -26.27 -5.66
C LEU A 225 4.62 -27.63 -5.88
N THR A 226 4.63 -28.47 -4.86
CA THR A 226 4.03 -29.79 -4.96
C THR A 226 3.14 -30.11 -3.76
N ARG A 227 2.28 -31.11 -3.91
CA ARG A 227 1.41 -31.52 -2.82
C ARG A 227 2.30 -31.99 -1.67
N LYS A 228 1.84 -31.77 -0.44
CA LYS A 228 2.59 -32.17 0.74
C LYS A 228 2.99 -33.64 0.62
N GLY A 229 4.29 -33.91 0.61
CA GLY A 229 4.76 -35.28 0.51
C GLY A 229 4.82 -35.83 -0.91
N GLN A 230 5.00 -34.95 -1.89
CA GLN A 230 5.08 -35.35 -3.29
C GLN A 230 6.15 -34.50 -3.97
N GLU A 231 7.22 -34.22 -3.22
CA GLU A 231 8.32 -33.38 -3.68
C GLU A 231 9.38 -34.05 -4.57
N SER A 232 9.34 -33.77 -5.87
CA SER A 232 10.31 -34.33 -6.81
C SER A 232 10.22 -33.69 -8.20
N PHE A 233 11.33 -33.72 -8.92
CA PHE A 233 11.40 -33.16 -10.28
C PHE A 233 12.02 -34.18 -11.21
N ASN A 234 11.18 -35.04 -11.79
CA ASN A 234 11.65 -36.06 -12.73
C ASN A 234 11.43 -35.55 -14.14
N GLY A 235 10.79 -34.37 -14.24
CA GLY A 235 10.52 -33.78 -15.53
C GLY A 235 11.79 -33.37 -16.26
N GLN A 236 11.72 -32.28 -17.02
CA GLN A 236 12.90 -31.80 -17.75
C GLN A 236 13.03 -30.28 -17.66
N VAL A 237 14.27 -29.81 -17.54
CA VAL A 237 14.55 -28.38 -17.44
C VAL A 237 14.46 -27.71 -18.80
N PRO A 238 13.61 -26.68 -18.93
CA PRO A 238 13.48 -25.98 -20.21
C PRO A 238 14.81 -25.36 -20.59
N ARG A 239 14.94 -24.93 -21.84
CA ARG A 239 16.17 -24.32 -22.28
C ARG A 239 16.00 -22.82 -22.41
N ASP A 240 17.04 -22.09 -22.04
CA ASP A 240 17.04 -20.64 -22.11
C ASP A 240 17.90 -20.27 -23.32
N ASP A 241 17.32 -20.37 -24.51
CA ASP A 241 18.04 -20.06 -25.73
C ASP A 241 17.97 -18.56 -26.02
N ALA B 1 -5.45 19.20 28.79
CA ALA B 1 -6.79 18.64 28.47
C ALA B 1 -7.76 19.71 27.96
N LYS B 2 -8.45 19.39 26.87
CA LYS B 2 -9.41 20.31 26.27
C LYS B 2 -10.75 20.04 26.94
N ASP B 3 -11.69 20.98 26.77
CA ASP B 3 -13.01 20.83 27.37
C ASP B 3 -13.97 20.06 26.47
N PHE B 4 -13.50 19.66 25.29
CA PHE B 4 -14.35 18.94 24.36
C PHE B 4 -13.70 17.66 23.83
N SER B 5 -14.54 16.74 23.38
CA SER B 5 -14.07 15.47 22.84
C SER B 5 -14.48 15.29 21.38
N GLY B 6 -13.53 14.92 20.53
CA GLY B 6 -13.82 14.71 19.13
C GLY B 6 -13.57 13.27 18.73
N ALA B 7 -13.35 13.02 17.44
CA ALA B 7 -13.11 11.67 16.98
C ALA B 7 -12.46 11.62 15.60
N GLU B 8 -11.67 10.57 15.37
CA GLU B 8 -11.01 10.36 14.09
C GLU B 8 -10.95 8.88 13.77
N LEU B 9 -11.36 8.53 12.56
CA LEU B 9 -11.34 7.15 12.08
C LEU B 9 -10.28 7.13 10.99
N TYR B 10 -9.40 6.13 11.01
CA TYR B 10 -8.34 6.02 10.01
C TYR B 10 -7.94 4.58 9.68
N THR B 11 -7.60 4.32 8.43
CA THR B 11 -7.19 2.99 8.02
C THR B 11 -5.79 2.75 8.57
N LEU B 12 -5.55 1.53 9.04
CA LEU B 12 -4.26 1.16 9.59
C LEU B 12 -3.24 1.14 8.47
N GLU B 13 -3.67 0.75 7.28
CA GLU B 13 -2.75 0.68 6.15
C GLU B 13 -2.76 1.95 5.31
N GLU B 14 -1.74 2.11 4.48
CA GLU B 14 -1.62 3.24 3.58
C GLU B 14 -1.30 2.67 2.20
N VAL B 15 -1.66 3.40 1.15
CA VAL B 15 -1.39 2.94 -0.21
C VAL B 15 -1.02 4.10 -1.13
N GLN B 16 -0.51 3.76 -2.31
CA GLN B 16 -0.17 4.78 -3.27
C GLN B 16 -1.23 4.76 -4.36
N TYR B 17 -2.02 5.82 -4.42
CA TYR B 17 -3.06 5.98 -5.43
C TYR B 17 -4.30 5.14 -5.17
N GLY B 18 -5.38 5.46 -5.88
CA GLY B 18 -6.62 4.72 -5.74
C GLY B 18 -7.85 5.61 -5.73
N LYS B 19 -9.02 5.01 -5.51
CA LYS B 19 -10.25 5.78 -5.43
C LYS B 19 -10.87 5.50 -4.08
N PHE B 20 -11.41 6.55 -3.46
CA PHE B 20 -11.99 6.42 -2.14
C PHE B 20 -13.34 7.11 -2.05
N GLU B 21 -14.37 6.33 -1.68
CA GLU B 21 -15.73 6.85 -1.56
C GLU B 21 -16.31 6.59 -0.18
N ALA B 22 -17.15 7.51 0.27
CA ALA B 22 -17.79 7.36 1.56
C ALA B 22 -19.19 7.95 1.52
N ARG B 23 -20.16 7.15 1.91
CA ARG B 23 -21.56 7.56 1.96
C ARG B 23 -21.69 8.20 3.32
N LYS B 25 -23.12 11.70 6.03
CA LYS B 25 -23.97 12.80 6.41
C LYS B 25 -23.09 13.53 7.44
N ALA B 27 -21.40 16.53 10.05
CA ALA B 27 -21.73 17.27 11.24
C ALA B 27 -21.49 18.73 10.86
N ALA B 28 -22.30 19.63 11.41
CA ALA B 28 -22.13 21.03 11.08
C ALA B 28 -22.69 21.97 12.14
N ALA B 29 -21.85 22.91 12.52
CA ALA B 29 -22.17 23.93 13.51
C ALA B 29 -21.02 24.91 13.41
N SER B 30 -21.29 26.19 13.66
CA SER B 30 -20.23 27.19 13.58
C SER B 30 -19.00 26.74 14.36
N GLY B 31 -17.83 26.89 13.74
CA GLY B 31 -16.57 26.53 14.37
C GLY B 31 -16.15 25.08 14.29
N THR B 32 -16.96 24.22 13.69
CA THR B 32 -16.63 22.80 13.59
C THR B 32 -16.06 22.39 12.24
N VAL B 33 -15.41 21.22 12.21
CA VAL B 33 -14.83 20.65 10.99
C VAL B 33 -15.23 19.18 10.90
N SER B 34 -15.97 18.85 9.85
CA SER B 34 -16.41 17.47 9.64
C SER B 34 -15.73 17.08 8.32
N SER B 35 -14.95 16.01 8.31
CA SER B 35 -14.19 15.69 7.09
C SER B 35 -13.94 14.26 6.63
N PHE B 37 -10.46 12.65 4.45
CA PHE B 37 -9.18 13.02 3.88
C PHE B 37 -8.15 11.91 3.74
N LEU B 38 -7.26 12.09 2.77
CA LEU B 38 -6.17 11.16 2.53
C LEU B 38 -5.00 11.76 3.30
N TYR B 39 -4.29 10.94 4.05
CA TYR B 39 -3.19 11.46 4.86
C TYR B 39 -1.97 10.54 4.94
N GLN B 40 -0.79 11.15 4.79
CA GLN B 40 0.47 10.44 4.88
C GLN B 40 0.94 10.62 6.31
N ASN B 41 0.64 9.63 7.14
CA ASN B 41 1.01 9.72 8.54
C ASN B 41 2.48 10.07 8.69
N GLY B 42 2.77 10.96 9.62
CA GLY B 42 4.13 11.39 9.87
C GLY B 42 4.36 12.76 9.26
N SER B 43 3.42 13.18 8.41
CA SER B 43 3.52 14.48 7.76
C SER B 43 3.63 15.60 8.79
N GLU B 44 3.09 15.36 9.98
CA GLU B 44 3.12 16.40 11.02
C GLU B 44 4.48 16.58 11.70
N ILE B 45 5.41 15.68 11.43
CA ILE B 45 6.74 15.76 12.01
C ILE B 45 7.54 16.83 11.28
N ALA B 46 8.04 17.82 12.02
CA ALA B 46 8.82 18.90 11.42
C ALA B 46 10.31 18.54 11.41
N ASP B 47 10.64 17.43 10.76
CA ASP B 47 12.02 16.99 10.69
C ASP B 47 12.57 17.11 9.29
N GLY B 48 11.84 17.83 8.43
CA GLY B 48 12.29 18.02 7.06
C GLY B 48 11.49 17.23 6.03
N ARG B 49 10.86 16.14 6.46
CA ARG B 49 10.06 15.32 5.54
C ARG B 49 8.96 16.18 4.95
N PRO B 50 8.40 15.74 3.81
CA PRO B 50 7.32 16.52 3.18
C PRO B 50 5.97 16.21 3.80
N TRP B 51 5.00 17.08 3.51
CA TRP B 51 3.64 16.91 3.99
C TRP B 51 2.84 16.41 2.78
N VAL B 52 2.08 15.34 2.95
CA VAL B 52 1.26 14.78 1.89
C VAL B 52 -0.18 14.59 2.40
N GLU B 53 -1.13 15.27 1.77
CA GLU B 53 -2.50 15.20 2.24
C GLU B 53 -3.50 15.81 1.26
N VAL B 54 -4.67 15.18 1.17
CA VAL B 54 -5.76 15.64 0.33
C VAL B 54 -7.00 15.71 1.23
N ASP B 55 -7.66 16.85 1.27
CA ASP B 55 -8.83 17.01 2.14
C ASP B 55 -10.17 17.36 1.53
N ILE B 56 -11.19 17.11 2.34
CA ILE B 56 -12.58 17.42 2.09
C ILE B 56 -12.99 17.84 3.51
N GLU B 57 -13.29 19.12 3.68
CA GLU B 57 -13.65 19.60 5.01
C GLU B 57 -14.89 20.46 5.01
N VAL B 58 -15.91 20.01 5.74
CA VAL B 58 -17.13 20.78 5.86
C VAL B 58 -16.92 21.74 7.02
N LEU B 59 -16.83 23.03 6.70
CA LEU B 59 -16.64 24.05 7.71
C LEU B 59 -18.03 24.35 8.30
N GLY B 60 -18.15 24.13 9.60
CA GLY B 60 -19.41 24.34 10.30
C GLY B 60 -20.16 25.62 10.04
N LYS B 61 -19.47 26.67 9.63
CA LYS B 61 -20.14 27.95 9.36
C LYS B 61 -21.02 27.87 8.13
N ASN B 62 -20.67 27.00 7.18
CA ASN B 62 -21.42 26.87 5.94
C ASN B 62 -21.62 25.41 5.51
N PRO B 63 -22.64 24.74 6.05
CA PRO B 63 -22.92 23.33 5.71
C PRO B 63 -23.38 23.12 4.26
N GLY B 64 -23.62 24.22 3.55
CA GLY B 64 -24.06 24.12 2.17
C GLY B 64 -22.85 24.22 1.27
N SER B 65 -21.71 23.81 1.82
CA SER B 65 -20.45 23.86 1.11
C SER B 65 -19.39 23.05 1.87
N PHE B 66 -18.30 22.75 1.18
CA PHE B 66 -17.18 22.02 1.77
C PHE B 66 -15.91 22.59 1.16
N GLN B 67 -14.80 22.45 1.87
CA GLN B 67 -13.52 22.96 1.40
C GLN B 67 -12.62 21.83 0.94
N SER B 68 -12.07 21.98 -0.27
CA SER B 68 -11.16 21.00 -0.83
C SER B 68 -9.78 21.57 -0.58
N ASN B 69 -8.77 20.71 -0.57
CA ASN B 69 -7.43 21.19 -0.33
C ASN B 69 -6.39 20.10 -0.54
N ILE B 70 -5.20 20.52 -0.95
CA ILE B 70 -4.09 19.60 -1.14
C ILE B 70 -2.98 20.27 -0.36
N ILE B 71 -2.41 19.56 0.61
CA ILE B 71 -1.34 20.15 1.37
C ILE B 71 -0.02 19.49 1.02
N THR B 72 0.94 20.32 0.64
CA THR B 72 2.26 19.83 0.30
C THR B 72 3.26 20.69 1.04
N GLY B 73 4.52 20.67 0.60
CA GLY B 73 5.54 21.42 1.28
C GLY B 73 5.94 20.64 2.52
N LYS B 74 6.01 21.30 3.67
CA LYS B 74 6.38 20.62 4.91
C LYS B 74 5.87 21.35 6.15
N ALA B 75 5.86 20.65 7.27
CA ALA B 75 5.40 21.24 8.52
C ALA B 75 6.09 22.58 8.76
N GLY B 76 5.31 23.59 9.15
CA GLY B 76 5.87 24.90 9.41
C GLY B 76 6.13 25.71 8.16
N ALA B 77 5.76 25.14 7.01
CA ALA B 77 5.94 25.79 5.72
C ALA B 77 5.17 24.99 4.69
N GLN B 78 3.84 25.04 4.79
CA GLN B 78 2.95 24.30 3.90
C GLN B 78 2.59 25.01 2.61
N LYS B 79 2.26 24.22 1.60
CA LYS B 79 1.84 24.73 0.29
C LYS B 79 0.39 24.26 0.23
N THR B 80 -0.54 25.22 0.16
CA THR B 80 -1.95 24.89 0.15
C THR B 80 -2.71 25.42 -1.05
N SER B 81 -3.94 24.92 -1.22
CA SER B 81 -4.81 25.33 -2.31
C SER B 81 -6.28 25.18 -1.89
N GLU B 82 -6.64 25.84 -0.80
CA GLU B 82 -8.02 25.78 -0.31
C GLU B 82 -9.01 26.37 -1.31
N LYS B 83 -10.07 25.62 -1.58
CA LYS B 83 -11.12 26.06 -2.49
C LYS B 83 -12.43 25.61 -1.87
N HIS B 84 -13.53 26.26 -2.25
CA HIS B 84 -14.85 25.95 -1.70
C HIS B 84 -15.88 25.64 -2.78
N HIS B 85 -16.59 24.53 -2.58
CA HIS B 85 -17.58 24.06 -3.55
C HIS B 85 -18.94 23.84 -2.90
N ALA B 86 -19.98 24.38 -3.54
CA ALA B 86 -21.34 24.26 -3.04
C ALA B 86 -21.85 22.82 -2.97
N VAL B 87 -22.57 22.49 -1.92
CA VAL B 87 -23.14 21.15 -1.75
C VAL B 87 -24.65 21.30 -1.52
N SER B 88 -25.46 20.57 -2.30
CA SER B 88 -26.92 20.65 -2.19
C SER B 88 -27.60 19.27 -2.20
N PRO B 89 -28.43 18.97 -1.18
CA PRO B 89 -28.74 19.86 -0.05
C PRO B 89 -27.54 19.91 0.88
N ALA B 90 -27.61 20.78 1.88
CA ALA B 90 -26.52 20.94 2.84
C ALA B 90 -26.01 19.59 3.34
N ALA B 91 -24.70 19.52 3.58
CA ALA B 91 -24.03 18.30 4.03
C ALA B 91 -24.55 17.69 5.33
N ASP B 92 -25.07 18.53 6.23
CA ASP B 92 -25.57 18.02 7.50
C ASP B 92 -27.05 17.67 7.42
N GLN B 93 -27.68 17.97 6.29
CA GLN B 93 -29.10 17.70 6.14
C GLN B 93 -29.43 16.48 5.28
N ALA B 94 -28.43 15.91 4.62
CA ALA B 94 -28.67 14.73 3.77
C ALA B 94 -27.40 13.94 3.50
N PHE B 95 -27.56 12.70 3.03
CA PHE B 95 -26.42 11.87 2.71
C PHE B 95 -25.92 12.12 1.29
N HIS B 96 -24.61 12.22 1.15
CA HIS B 96 -23.98 12.44 -0.15
C HIS B 96 -22.86 11.44 -0.22
N THR B 97 -22.52 11.03 -1.43
CA THR B 97 -21.42 10.12 -1.64
C THR B 97 -20.23 11.00 -2.03
N TYR B 98 -19.23 11.07 -1.15
CA TYR B 98 -18.03 11.86 -1.42
C TYR B 98 -16.92 10.97 -1.99
N GLY B 99 -16.35 11.40 -3.12
CA GLY B 99 -15.31 10.64 -3.75
C GLY B 99 -13.98 11.37 -3.82
N LEU B 100 -12.89 10.60 -3.79
CA LEU B 100 -11.54 11.16 -3.84
C LEU B 100 -10.67 10.26 -4.71
N GLU B 101 -10.30 10.74 -5.89
CA GLU B 101 -9.47 9.95 -6.80
C GLU B 101 -8.05 10.50 -6.79
N TRP B 102 -7.08 9.63 -6.58
CA TRP B 102 -5.69 10.05 -6.52
C TRP B 102 -4.82 9.18 -7.41
N THR B 103 -4.27 9.80 -8.46
CA THR B 103 -3.41 9.12 -9.41
C THR B 103 -2.12 9.93 -9.52
N PRO B 104 -1.13 9.43 -10.27
CA PRO B 104 0.10 10.24 -10.36
C PRO B 104 -0.07 11.53 -11.16
N ASN B 105 -1.13 11.61 -11.97
CA ASN B 105 -1.41 12.78 -12.82
C ASN B 105 -2.34 13.82 -12.19
N TYR B 106 -3.34 13.37 -11.46
CA TYR B 106 -4.28 14.32 -10.87
C TYR B 106 -4.97 13.80 -9.61
N VAL B 107 -5.80 14.67 -9.05
CA VAL B 107 -6.59 14.34 -7.89
C VAL B 107 -7.95 14.91 -8.25
N ARG B 108 -8.99 14.10 -8.08
CA ARG B 108 -10.34 14.54 -8.39
C ARG B 108 -11.30 14.32 -7.24
N TRP B 109 -12.11 15.33 -6.95
CA TRP B 109 -13.10 15.28 -5.88
C TRP B 109 -14.48 15.17 -6.55
N THR B 110 -15.35 14.33 -5.98
CA THR B 110 -16.69 14.19 -6.53
C THR B 110 -17.77 14.13 -5.46
N VAL B 111 -18.95 14.67 -5.77
CA VAL B 111 -20.09 14.63 -4.87
C VAL B 111 -21.24 14.00 -5.66
N ASP B 112 -21.69 12.83 -5.23
CA ASP B 112 -22.78 12.14 -5.91
C ASP B 112 -22.40 11.85 -7.37
N GLY B 113 -21.13 11.52 -7.59
CA GLY B 113 -20.68 11.21 -8.93
C GLY B 113 -20.29 12.42 -9.75
N GLN B 114 -20.64 13.61 -9.27
CA GLN B 114 -20.33 14.83 -10.00
C GLN B 114 -18.99 15.44 -9.59
N GLU B 115 -18.16 15.76 -10.57
CA GLU B 115 -16.85 16.36 -10.34
C GLU B 115 -17.03 17.79 -9.88
N VAL B 116 -16.45 18.11 -8.73
CA VAL B 116 -16.55 19.45 -8.18
C VAL B 116 -15.19 20.13 -8.26
N ARG B 117 -14.14 19.34 -8.52
CA ARG B 117 -12.78 19.86 -8.64
C ARG B 117 -11.85 18.79 -9.21
N LYS B 118 -10.82 19.25 -9.93
CA LYS B 118 -9.82 18.36 -10.52
C LYS B 118 -8.51 19.14 -10.66
N THR B 119 -7.46 18.64 -9.99
CA THR B 119 -6.16 19.28 -10.04
C THR B 119 -5.17 18.38 -10.72
N GLU B 120 -4.60 18.85 -11.82
CA GLU B 120 -3.60 18.10 -12.57
C GLU B 120 -2.22 18.68 -12.27
N GLY B 121 -1.22 17.81 -12.13
CA GLY B 121 0.12 18.27 -11.84
C GLY B 121 0.25 19.15 -10.61
N GLY B 122 1.17 20.12 -10.69
CA GLY B 122 1.38 21.03 -9.58
C GLY B 122 1.59 20.28 -8.28
N GLN B 123 0.74 20.54 -7.30
CA GLN B 123 0.84 19.87 -6.01
C GLN B 123 0.73 18.36 -6.14
N VAL B 124 -0.08 17.90 -7.09
CA VAL B 124 -0.26 16.47 -7.29
C VAL B 124 1.03 15.72 -7.60
N SER B 125 1.99 16.42 -8.22
CA SER B 125 3.28 15.83 -8.56
C SER B 125 4.11 15.67 -7.30
N ASN B 126 3.72 16.36 -6.24
CA ASN B 126 4.43 16.31 -4.97
C ASN B 126 3.75 15.44 -3.92
N LEU B 127 2.69 14.74 -4.32
CA LEU B 127 2.02 13.84 -3.40
C LEU B 127 2.74 12.52 -3.58
N THR B 128 3.92 12.44 -2.97
CA THR B 128 4.75 11.24 -3.05
C THR B 128 4.39 10.31 -1.89
N GLY B 129 4.85 9.06 -1.98
CA GLY B 129 4.58 8.11 -0.93
C GLY B 129 3.15 7.59 -0.89
N THR B 130 2.75 7.13 0.30
CA THR B 130 1.42 6.57 0.52
C THR B 130 0.58 7.49 1.40
N GLN B 131 -0.70 7.15 1.52
CA GLN B 131 -1.62 7.90 2.38
C GLN B 131 -2.69 6.94 2.85
N GLY B 132 -3.25 7.19 4.03
CA GLY B 132 -4.30 6.35 4.53
C GLY B 132 -5.60 7.15 4.35
N LEU B 133 -6.74 6.50 4.50
CA LEU B 133 -8.01 7.21 4.38
C LEU B 133 -8.49 7.52 5.79
N ARG B 134 -8.74 8.80 6.07
CA ARG B 134 -9.18 9.21 7.40
C ARG B 134 -10.43 10.08 7.42
N PHE B 135 -11.05 10.17 8.59
CA PHE B 135 -12.23 11.00 8.79
C PHE B 135 -12.19 11.49 10.24
N ASN B 136 -12.43 12.77 10.47
CA ASN B 136 -12.44 13.27 11.82
C ASN B 136 -13.53 14.33 12.06
N LEU B 137 -13.79 14.61 13.32
CA LEU B 137 -14.81 15.57 13.73
C LEU B 137 -14.23 16.35 14.89
N TRP B 138 -13.96 17.62 14.67
CA TRP B 138 -13.37 18.47 15.70
C TRP B 138 -13.79 19.92 15.53
N SER B 139 -13.08 20.83 16.18
CA SER B 139 -13.39 22.25 16.09
C SER B 139 -12.10 23.06 16.08
N SER B 140 -12.02 24.04 15.18
CA SER B 140 -10.84 24.89 15.04
C SER B 140 -10.90 26.19 15.82
N GLU B 141 -9.75 26.61 16.33
CA GLU B 141 -9.64 27.84 17.10
C GLU B 141 -9.39 29.05 16.20
N SER B 142 -9.57 28.86 14.90
CA SER B 142 -9.43 29.94 13.93
C SER B 142 -10.84 30.42 13.55
N ALA B 143 -11.28 31.51 14.17
CA ALA B 143 -12.59 32.08 13.93
C ALA B 143 -12.95 32.39 12.48
N ALA B 144 -12.02 33.00 11.76
CA ALA B 144 -12.25 33.38 10.36
C ALA B 144 -12.42 32.18 9.42
N TRP B 145 -11.93 31.03 9.84
CA TRP B 145 -12.00 29.81 9.01
C TRP B 145 -13.26 28.98 9.25
N VAL B 146 -13.69 28.88 10.50
CA VAL B 146 -14.87 28.07 10.81
C VAL B 146 -15.96 28.84 11.55
N GLY B 147 -15.59 29.97 12.14
CA GLY B 147 -16.55 30.77 12.89
C GLY B 147 -16.44 30.47 14.36
N GLN B 148 -16.90 31.40 15.19
CA GLN B 148 -16.87 31.23 16.63
C GLN B 148 -17.64 29.95 16.97
N PHE B 149 -17.06 29.11 17.81
CA PHE B 149 -17.66 27.84 18.20
C PHE B 149 -19.04 27.97 18.84
N ASP B 150 -20.04 27.34 18.23
CA ASP B 150 -21.41 27.38 18.74
C ASP B 150 -21.72 26.14 19.56
N GLU B 151 -21.25 26.14 20.79
CA GLU B 151 -21.42 25.03 21.73
C GLU B 151 -22.84 24.50 21.91
N SER B 152 -23.81 25.40 21.97
CA SER B 152 -25.19 25.00 22.19
C SER B 152 -25.69 23.91 21.24
N LYS B 153 -25.06 23.77 20.08
CA LYS B 153 -25.48 22.76 19.11
C LYS B 153 -24.95 21.35 19.41
N LEU B 154 -24.11 21.21 20.42
CA LEU B 154 -23.58 19.91 20.79
C LEU B 154 -24.63 19.09 21.51
N PRO B 155 -24.54 17.75 21.44
CA PRO B 155 -23.53 16.98 20.71
C PRO B 155 -23.78 16.98 19.21
N LEU B 156 -22.71 16.86 18.43
CA LEU B 156 -22.84 16.82 16.98
C LEU B 156 -22.40 15.43 16.55
N PHE B 157 -22.97 14.92 15.48
CA PHE B 157 -22.59 13.60 15.01
C PHE B 157 -22.39 13.58 13.51
N GLN B 158 -21.42 12.78 13.07
CA GLN B 158 -21.10 12.62 11.66
C GLN B 158 -21.40 11.16 11.38
N PHE B 159 -22.23 10.87 10.38
CA PHE B 159 -22.57 9.49 10.08
C PHE B 159 -21.94 8.96 8.81
N ILE B 160 -21.34 7.78 8.89
CA ILE B 160 -20.73 7.15 7.73
C ILE B 160 -21.42 5.81 7.49
N ASN B 161 -22.24 5.75 6.43
CA ASN B 161 -22.98 4.55 6.10
C ASN B 161 -22.06 3.45 5.59
N TRP B 162 -21.24 3.79 4.60
CA TRP B 162 -20.31 2.83 4.03
C TRP B 162 -19.10 3.50 3.37
N VAL B 163 -18.05 2.70 3.15
CA VAL B 163 -16.81 3.15 2.53
C VAL B 163 -16.36 2.13 1.50
N LYS B 164 -15.92 2.62 0.35
CA LYS B 164 -15.42 1.75 -0.72
C LYS B 164 -14.05 2.24 -1.12
N VAL B 165 -13.07 1.33 -1.16
CA VAL B 165 -11.73 1.69 -1.57
C VAL B 165 -11.38 0.89 -2.83
N TYR B 166 -10.87 1.60 -3.84
CA TYR B 166 -10.51 1.01 -5.12
C TYR B 166 -9.01 1.15 -5.45
N LYS B 167 -8.43 0.14 -6.07
CA LYS B 167 -7.02 0.20 -6.44
C LYS B 167 -6.90 0.93 -7.79
N TYR B 168 -5.81 1.67 -7.97
CA TYR B 168 -5.58 2.37 -9.23
C TYR B 168 -5.07 1.30 -10.19
N THR B 169 -5.89 0.98 -11.19
CA THR B 169 -5.58 -0.02 -12.20
C THR B 169 -5.82 0.60 -13.57
N PRO B 170 -5.00 1.58 -13.96
CA PRO B 170 -5.16 2.25 -15.26
C PRO B 170 -5.25 1.28 -16.44
N GLY B 171 -6.28 1.45 -17.25
CA GLY B 171 -6.46 0.59 -18.40
C GLY B 171 -7.23 -0.70 -18.13
N GLN B 172 -7.17 -1.21 -16.91
CA GLN B 172 -7.87 -2.45 -16.55
C GLN B 172 -8.90 -2.21 -15.45
N GLY B 173 -9.50 -1.03 -15.45
CA GLY B 173 -10.49 -0.71 -14.44
C GLY B 173 -11.89 -1.15 -14.78
N GLU B 174 -12.79 -0.97 -13.83
CA GLU B 174 -14.19 -1.34 -13.98
C GLU B 174 -15.04 -0.13 -14.38
N GLY B 175 -16.16 -0.41 -15.04
CA GLY B 175 -17.07 0.64 -15.44
C GLY B 175 -16.47 1.73 -16.31
N GLY B 176 -15.45 1.38 -17.09
CA GLY B 176 -14.82 2.36 -17.95
C GLY B 176 -13.92 3.35 -17.24
N SER B 177 -13.45 2.98 -16.05
CA SER B 177 -12.56 3.86 -15.29
C SER B 177 -11.21 3.18 -15.08
N ASP B 178 -10.30 3.85 -14.38
CA ASP B 178 -8.98 3.28 -14.10
C ASP B 178 -8.92 2.76 -12.67
N PHE B 179 -10.05 2.29 -12.16
CA PHE B 179 -10.10 1.80 -10.79
C PHE B 179 -10.80 0.47 -10.65
N THR B 180 -10.34 -0.33 -9.70
CA THR B 180 -10.90 -1.64 -9.43
C THR B 180 -11.26 -1.71 -7.94
N LEU B 181 -12.53 -1.97 -7.63
CA LEU B 181 -12.97 -2.06 -6.24
C LEU B 181 -12.11 -3.05 -5.47
N ASP B 182 -11.53 -2.57 -4.37
CA ASP B 182 -10.65 -3.40 -3.54
C ASP B 182 -11.43 -3.95 -2.35
N TRP B 183 -11.99 -3.05 -1.55
CA TRP B 183 -12.78 -3.48 -0.39
C TRP B 183 -13.90 -2.52 -0.02
N THR B 184 -14.87 -3.06 0.72
CA THR B 184 -16.02 -2.29 1.16
C THR B 184 -16.28 -2.55 2.63
N ASP B 185 -16.83 -1.55 3.32
CA ASP B 185 -17.16 -1.70 4.72
C ASP B 185 -18.48 -0.99 4.98
N ASN B 186 -19.53 -1.77 5.23
CA ASN B 186 -20.86 -1.22 5.47
C ASN B 186 -21.01 -0.77 6.91
N PHE B 187 -19.97 -1.01 7.69
CA PHE B 187 -19.96 -0.62 9.09
C PHE B 187 -21.10 -1.24 9.90
N ASP B 188 -21.36 -2.52 9.68
CA ASP B 188 -22.40 -3.19 10.46
C ASP B 188 -21.72 -3.52 11.78
N THR B 189 -20.39 -3.43 11.77
CA THR B 189 -19.54 -3.67 12.92
C THR B 189 -18.31 -2.80 12.76
N PHE B 190 -17.53 -2.64 13.83
CA PHE B 190 -16.30 -1.88 13.75
C PHE B 190 -15.19 -2.89 13.53
N ASP B 191 -14.46 -2.76 12.43
CA ASP B 191 -13.39 -3.70 12.11
C ASP B 191 -12.03 -3.17 12.55
N GLY B 192 -11.56 -3.63 13.71
CA GLY B 192 -10.28 -3.20 14.24
C GLY B 192 -9.05 -3.66 13.49
N SER B 193 -9.22 -4.61 12.58
CA SER B 193 -8.11 -5.11 11.79
C SER B 193 -8.00 -4.22 10.56
N ARG B 194 -8.91 -3.26 10.47
CA ARG B 194 -8.97 -2.35 9.34
C ARG B 194 -8.82 -0.88 9.74
N TRP B 195 -9.56 -0.48 10.78
CA TRP B 195 -9.52 0.89 11.24
C TRP B 195 -8.91 1.10 12.61
N GLY B 196 -8.50 2.33 12.86
CA GLY B 196 -7.91 2.71 14.13
C GLY B 196 -8.66 3.94 14.60
N LYS B 197 -8.67 4.18 15.91
CA LYS B 197 -9.36 5.33 16.45
C LYS B 197 -8.38 6.35 16.95
N GLY B 198 -8.56 7.60 16.54
CA GLY B 198 -7.66 8.65 16.97
C GLY B 198 -7.78 8.90 18.46
N ASP B 199 -6.65 9.19 19.10
CA ASP B 199 -6.64 9.46 20.53
C ASP B 199 -5.56 10.49 20.84
N TRP B 200 -5.56 11.56 20.06
CA TRP B 200 -4.59 12.63 20.23
C TRP B 200 -5.30 13.95 19.96
N THR B 201 -4.51 14.99 19.75
CA THR B 201 -5.02 16.33 19.46
C THR B 201 -3.88 17.09 18.81
N PHE B 202 -4.14 18.33 18.42
CA PHE B 202 -3.11 19.16 17.82
C PHE B 202 -3.44 20.63 17.99
N ASP B 203 -2.43 21.48 17.81
CA ASP B 203 -2.60 22.91 17.93
C ASP B 203 -3.71 23.40 17.01
N GLY B 204 -4.59 24.24 17.55
CA GLY B 204 -5.69 24.79 16.77
C GLY B 204 -6.94 23.96 16.90
N ASN B 205 -6.83 22.79 17.50
CA ASN B 205 -7.99 21.92 17.69
C ASN B 205 -8.46 22.02 19.14
N ARG B 206 -9.64 22.59 19.36
CA ARG B 206 -10.11 22.74 20.72
C ARG B 206 -10.65 21.43 21.32
N VAL B 207 -10.48 20.32 20.60
CA VAL B 207 -10.96 19.05 21.12
C VAL B 207 -9.89 17.96 21.21
N ASP B 208 -10.18 16.94 22.00
CA ASP B 208 -9.29 15.80 22.13
C ASP B 208 -10.01 14.68 21.39
N LEU B 209 -9.31 13.97 20.53
CA LEU B 209 -9.90 12.87 19.77
C LEU B 209 -9.86 11.65 20.68
N THR B 210 -10.96 10.91 20.77
CA THR B 210 -11.00 9.74 21.63
C THR B 210 -11.85 8.59 21.08
N ASP B 211 -11.46 7.36 21.39
CA ASP B 211 -12.19 6.20 20.92
C ASP B 211 -13.62 6.20 21.46
N LYS B 212 -13.83 6.93 22.56
CA LYS B 212 -15.15 7.01 23.16
C LYS B 212 -16.14 7.65 22.21
N ASN B 213 -15.66 8.42 21.25
CA ASN B 213 -16.53 9.09 20.29
C ASN B 213 -16.66 8.42 18.93
N ILE B 214 -16.31 7.14 18.85
CA ILE B 214 -16.45 6.42 17.61
C ILE B 214 -17.09 5.07 17.89
N TYR B 215 -18.17 4.79 17.18
CA TYR B 215 -18.87 3.53 17.37
C TYR B 215 -19.85 3.23 16.25
N SER B 216 -20.17 1.95 16.09
CA SER B 216 -21.10 1.54 15.05
C SER B 216 -22.45 1.15 15.62
N ARG B 217 -23.50 1.76 15.07
CA ARG B 217 -24.86 1.48 15.50
C ARG B 217 -25.72 1.31 14.26
N ASP B 218 -26.39 0.17 14.14
CA ASP B 218 -27.26 -0.09 13.01
C ASP B 218 -26.63 0.17 11.64
N GLY B 219 -25.59 -0.60 11.32
CA GLY B 219 -24.91 -0.47 10.04
C GLY B 219 -24.45 0.93 9.71
N LEU B 221 -21.17 3.83 10.93
CA LEU B 221 -20.06 4.27 11.77
C LEU B 221 -20.42 5.71 12.16
N ILE B 222 -20.32 6.02 13.45
CA ILE B 222 -20.67 7.34 13.94
C ILE B 222 -19.52 8.08 14.60
N LEU B 223 -19.37 9.35 14.25
CA LEU B 223 -18.34 10.21 14.83
C LEU B 223 -19.09 11.27 15.62
N ALA B 224 -18.69 11.49 16.87
CA ALA B 224 -19.37 12.46 17.71
C ALA B 224 -18.47 13.55 18.26
N LEU B 225 -19.01 14.77 18.32
CA LEU B 225 -18.30 15.89 18.89
C LEU B 225 -19.18 16.30 20.06
N THR B 226 -18.70 16.01 21.26
CA THR B 226 -19.43 16.31 22.48
C THR B 226 -18.52 16.99 23.49
N ARG B 227 -19.11 17.64 24.50
CA ARG B 227 -18.28 18.29 25.52
C ARG B 227 -17.66 17.13 26.30
N LYS B 228 -16.43 17.33 26.76
CA LYS B 228 -15.74 16.28 27.49
C LYS B 228 -16.55 15.79 28.68
N GLY B 229 -16.81 14.48 28.70
CA GLY B 229 -17.60 13.89 29.77
C GLY B 229 -18.92 13.33 29.28
N GLN B 230 -19.54 13.99 28.30
CA GLN B 230 -20.81 13.55 27.75
C GLN B 230 -20.68 12.93 26.36
N GLU B 231 -20.01 11.79 26.30
CA GLU B 231 -19.78 11.09 25.03
C GLU B 231 -20.67 9.86 24.83
N SER B 232 -21.86 10.06 24.26
CA SER B 232 -22.81 8.97 24.04
C SER B 232 -24.16 9.42 23.45
N PHE B 233 -25.04 8.46 23.17
CA PHE B 233 -26.36 8.75 22.63
C PHE B 233 -27.16 7.45 22.47
#